data_9EZ1
#
_entry.id   9EZ1
#
_cell.length_a   65.980
_cell.length_b   65.980
_cell.length_c   263.470
_cell.angle_alpha   90.000
_cell.angle_beta   90.000
_cell.angle_gamma   120.000
#
_symmetry.space_group_name_H-M   'P 65 2 2'
#
loop_
_entity.id
_entity.type
_entity.pdbx_description
1 polymer 'Vitamin D3 receptor A'
2 polymer 'Nuclear receptor coactivator 2'
3 non-polymer '1,4a,25-trihydroxyvitamin D3'
4 non-polymer 'ACETATE ION'
5 water water
#
loop_
_entity_poly.entity_id
_entity_poly.type
_entity_poly.pdbx_seq_one_letter_code
_entity_poly.pdbx_strand_id
1 'polypeptide(L)'
;GSHMLSDEQMQIINSLVEAHHKTYDDSYSDFVRFRPPVREGPVTRSASRAASLHSLSDASSDSFNHSPESVDTKLNFSNL
LMMYQDSGSPDSSEEDQQSRLSMLPHLADLVSYSIQKVIGFAKMIPGFRDLTAEDQIALLKSSAIEIIMLRSNQSFSLED
MSWSCGGPDFKYCINDVTKAGHTLELLEPLVKFQVGLKKLKLHEEEHVLLMAICLLSPDRPGVQDHVRIEALQDRLCDVL
QAYIRIQHPGGRLLYAKMIQKLADLRSLNEEHSKQYRSLSFQPEHSMQLTPLVLEVFGSEVS
;
A
2 'polypeptide(L)' KHKILHRLLQDSS B
#
loop_
_chem_comp.id
_chem_comp.type
_chem_comp.name
_chem_comp.formula
A1H9P non-polymer '1,4a,25-trihydroxyvitamin D3' 'C27 H42 O4'
ACT non-polymer 'ACETATE ION' 'C2 H3 O2 -1'
#
# COMPACT_ATOMS: atom_id res chain seq x y z
N HIS A 3 25.33 8.77 -18.69
CA HIS A 3 23.89 8.94 -18.48
C HIS A 3 23.50 9.51 -17.11
N MET A 4 22.45 10.33 -17.11
CA MET A 4 21.92 10.97 -15.91
C MET A 4 20.41 11.17 -16.09
N LEU A 5 19.77 11.63 -15.01
CA LEU A 5 18.34 11.86 -14.95
C LEU A 5 17.97 13.28 -15.40
N SER A 6 16.81 13.38 -16.07
N SER A 6 16.82 13.38 -16.09
CA SER A 6 16.30 14.64 -16.59
CA SER A 6 16.36 14.67 -16.59
C SER A 6 15.77 15.53 -15.46
C SER A 6 15.74 15.51 -15.48
N ASP A 7 15.49 16.78 -15.82
CA ASP A 7 14.86 17.69 -14.86
C ASP A 7 13.44 17.25 -14.55
N GLU A 8 12.70 16.83 -15.57
CA GLU A 8 11.33 16.37 -15.34
C GLU A 8 11.32 15.08 -14.54
N GLN A 9 12.29 14.18 -14.77
CA GLN A 9 12.32 12.93 -14.02
C GLN A 9 12.58 13.19 -12.54
N MET A 10 13.46 14.13 -12.22
CA MET A 10 13.70 14.33 -10.80
C MET A 10 12.59 15.14 -10.14
N GLN A 11 11.87 15.96 -10.90
CA GLN A 11 10.69 16.62 -10.33
C GLN A 11 9.65 15.59 -9.90
N ILE A 12 9.46 14.53 -10.69
CA ILE A 12 8.57 13.45 -10.29
C ILE A 12 9.04 12.83 -8.98
N ILE A 13 10.34 12.54 -8.89
CA ILE A 13 10.91 11.98 -7.65
C ILE A 13 10.69 12.93 -6.49
N ASN A 14 11.00 14.22 -6.68
CA ASN A 14 10.78 15.22 -5.64
C ASN A 14 9.35 15.17 -5.11
N SER A 15 8.37 15.30 -6.01
CA SER A 15 6.99 15.36 -5.54
C SER A 15 6.58 14.04 -4.89
N LEU A 16 7.01 12.90 -5.44
CA LEU A 16 6.65 11.63 -4.80
C LEU A 16 7.29 11.48 -3.42
N VAL A 17 8.53 11.96 -3.25
CA VAL A 17 9.14 11.86 -1.93
C VAL A 17 8.40 12.75 -0.94
N GLU A 18 8.09 13.98 -1.35
CA GLU A 18 7.35 14.87 -0.48
C GLU A 18 5.98 14.29 -0.15
N ALA A 19 5.32 13.68 -1.14
CA ALA A 19 4.00 13.12 -0.93
C ALA A 19 4.04 12.05 0.16
N HIS A 20 5.10 11.24 0.17
CA HIS A 20 5.21 10.18 1.14
C HIS A 20 5.57 10.70 2.53
N HIS A 21 6.48 11.68 2.60
CA HIS A 21 6.82 12.22 3.91
C HIS A 21 5.61 12.89 4.57
N LYS A 22 4.77 13.54 3.77
CA LYS A 22 3.55 14.17 4.27
C LYS A 22 2.50 13.18 4.71
N THR A 23 2.59 11.93 4.29
CA THR A 23 1.53 10.96 4.55
C THR A 23 2.02 9.74 5.33
N TYR A 24 3.28 9.69 5.72
CA TYR A 24 3.81 8.60 6.55
C TYR A 24 4.49 9.25 7.75
N ASP A 25 3.90 9.07 8.92
CA ASP A 25 4.35 9.75 10.14
C ASP A 25 5.17 8.75 10.95
N ASP A 26 6.48 8.93 10.92
CA ASP A 26 7.42 8.03 11.59
C ASP A 26 7.27 7.99 13.11
N SER A 27 6.54 8.93 13.71
CA SER A 27 6.36 8.88 15.16
C SER A 27 5.27 7.89 15.58
N TYR A 28 4.36 7.55 14.67
CA TYR A 28 3.27 6.64 14.98
C TYR A 28 2.46 7.11 16.18
N SER A 29 2.51 8.41 16.51
CA SER A 29 1.79 8.86 17.70
C SER A 29 0.29 8.84 17.50
N ASP A 30 -0.20 8.90 16.26
CA ASP A 30 -1.64 8.76 16.01
C ASP A 30 -2.18 7.42 16.48
N PHE A 31 -1.32 6.42 16.70
CA PHE A 31 -1.82 5.07 16.94
C PHE A 31 -2.52 4.93 18.29
N VAL A 32 -2.25 5.81 19.26
CA VAL A 32 -2.94 5.72 20.54
C VAL A 32 -4.43 6.04 20.41
N ARG A 33 -4.85 6.54 19.25
CA ARG A 33 -6.26 6.85 19.00
C ARG A 33 -7.05 5.65 18.52
N PHE A 34 -6.37 4.58 18.07
CA PHE A 34 -7.05 3.39 17.60
C PHE A 34 -7.65 2.64 18.77
N ARG A 35 -8.71 1.88 18.52
CA ARG A 35 -9.14 0.93 19.54
C ARG A 35 -7.93 0.09 19.94
N PRO A 36 -7.70 -0.14 21.23
CA PRO A 36 -6.43 -0.71 21.66
C PRO A 36 -6.23 -2.13 21.16
N PRO A 37 -4.98 -2.58 21.05
CA PRO A 37 -4.72 -3.98 20.72
C PRO A 37 -5.08 -4.86 21.90
N VAL A 38 -5.49 -6.10 21.61
CA VAL A 38 -5.77 -7.06 22.68
C VAL A 38 -5.24 -8.41 22.26
N ARG A 39 -4.36 -8.99 23.07
CA ARG A 39 -3.77 -10.30 22.81
C ARG A 39 -3.98 -11.23 24.00
N LEU A 101 -11.79 -12.83 17.95
CA LEU A 101 -10.81 -12.09 17.13
C LEU A 101 -10.36 -10.83 17.86
N SER A 102 -9.49 -11.11 18.82
CA SER A 102 -8.99 -10.11 19.77
C SER A 102 -8.44 -8.86 19.08
N MET A 103 -7.72 -9.03 17.98
CA MET A 103 -6.97 -7.95 17.39
C MET A 103 -7.69 -7.25 16.24
N LEU A 104 -8.88 -7.73 15.87
CA LEU A 104 -9.57 -7.12 14.73
C LEU A 104 -9.94 -5.66 14.95
N PRO A 105 -10.44 -5.22 16.12
CA PRO A 105 -10.68 -3.77 16.28
C PRO A 105 -9.44 -2.94 16.03
N HIS A 106 -8.31 -3.27 16.66
CA HIS A 106 -7.10 -2.46 16.46
C HIS A 106 -6.62 -2.50 15.02
N LEU A 107 -6.60 -3.68 14.38
CA LEU A 107 -6.05 -3.72 13.03
C LEU A 107 -7.00 -3.11 12.02
N ALA A 108 -8.31 -3.19 12.25
CA ALA A 108 -9.28 -2.46 11.45
C ALA A 108 -9.00 -0.97 11.49
N ASP A 109 -8.78 -0.42 12.69
CA ASP A 109 -8.48 1.00 12.79
C ASP A 109 -7.14 1.33 12.16
N LEU A 110 -6.15 0.46 12.35
CA LEU A 110 -4.86 0.69 11.70
C LEU A 110 -5.01 0.74 10.19
N VAL A 111 -5.70 -0.24 9.61
CA VAL A 111 -5.84 -0.28 8.17
C VAL A 111 -6.67 0.92 7.67
N SER A 112 -7.73 1.27 8.40
CA SER A 112 -8.56 2.40 8.00
C SER A 112 -7.75 3.70 7.98
N TYR A 113 -7.00 3.96 9.05
CA TYR A 113 -6.08 5.09 9.06
C TYR A 113 -5.11 5.03 7.88
N SER A 114 -4.54 3.85 7.60
CA SER A 114 -3.56 3.73 6.50
C SER A 114 -4.22 3.98 5.15
N ILE A 115 -5.49 3.62 4.99
CA ILE A 115 -6.17 3.93 3.72
C ILE A 115 -6.25 5.44 3.52
N GLN A 116 -6.56 6.18 4.58
CA GLN A 116 -6.63 7.63 4.42
C GLN A 116 -5.29 8.18 3.97
N LYS A 117 -4.19 7.63 4.49
CA LYS A 117 -2.88 8.09 4.05
C LYS A 117 -2.59 7.70 2.61
N VAL A 118 -3.06 6.53 2.17
CA VAL A 118 -2.81 6.13 0.79
C VAL A 118 -3.56 7.04 -0.18
N ILE A 119 -4.79 7.43 0.18
CA ILE A 119 -5.55 8.39 -0.61
C ILE A 119 -4.82 9.71 -0.69
N GLY A 120 -4.26 10.17 0.44
CA GLY A 120 -3.49 11.40 0.42
C GLY A 120 -2.25 11.30 -0.45
N PHE A 121 -1.56 10.15 -0.40
CA PHE A 121 -0.38 9.96 -1.24
C PHE A 121 -0.78 9.96 -2.70
N ALA A 122 -1.82 9.17 -3.02
CA ALA A 122 -2.31 9.08 -4.40
C ALA A 122 -2.59 10.46 -4.97
N LYS A 123 -3.31 11.30 -4.21
CA LYS A 123 -3.72 12.62 -4.68
C LYS A 123 -2.52 13.48 -5.10
N MET A 124 -1.33 13.19 -4.59
CA MET A 124 -0.15 13.97 -4.91
C MET A 124 0.73 13.32 -5.98
N ILE A 125 0.37 12.15 -6.47
CA ILE A 125 1.07 11.56 -7.62
C ILE A 125 0.77 12.42 -8.84
N PRO A 126 1.79 12.89 -9.56
CA PRO A 126 1.54 13.63 -10.82
C PRO A 126 0.54 12.93 -11.73
N GLY A 127 -0.59 13.58 -12.01
CA GLY A 127 -1.54 13.09 -12.96
C GLY A 127 -2.67 12.26 -12.38
N PHE A 128 -2.52 11.75 -11.15
CA PHE A 128 -3.61 10.98 -10.55
C PHE A 128 -4.87 11.80 -10.44
N ARG A 129 -4.75 13.03 -9.92
CA ARG A 129 -5.94 13.85 -9.67
C ARG A 129 -6.64 14.29 -10.94
N ASP A 130 -5.98 14.18 -12.10
CA ASP A 130 -6.62 14.51 -13.35
C ASP A 130 -7.38 13.33 -13.95
N LEU A 131 -7.20 12.12 -13.43
CA LEU A 131 -8.05 11.01 -13.82
C LEU A 131 -9.50 11.27 -13.36
N THR A 132 -10.44 10.56 -13.97
CA THR A 132 -11.84 10.67 -13.56
C THR A 132 -12.03 10.12 -12.14
N ALA A 133 -13.08 10.60 -11.47
CA ALA A 133 -13.34 10.14 -10.11
C ALA A 133 -13.46 8.63 -10.06
N GLU A 134 -14.11 8.04 -11.06
CA GLU A 134 -14.31 6.59 -11.07
C GLU A 134 -12.98 5.86 -11.17
N ASP A 135 -12.12 6.29 -12.11
CA ASP A 135 -10.79 5.67 -12.21
C ASP A 135 -10.02 5.84 -10.91
N GLN A 136 -10.10 7.03 -10.29
CA GLN A 136 -9.42 7.20 -9.01
C GLN A 136 -9.94 6.21 -7.98
N ILE A 137 -11.26 6.01 -7.92
CA ILE A 137 -11.83 5.03 -7.02
C ILE A 137 -11.39 3.62 -7.41
N ALA A 138 -11.57 3.27 -8.69
CA ALA A 138 -11.16 1.95 -9.18
C ALA A 138 -9.73 1.61 -8.78
N LEU A 139 -8.78 2.50 -9.08
CA LEU A 139 -7.38 2.20 -8.76
C LEU A 139 -7.17 2.02 -7.27
N LEU A 140 -7.85 2.85 -6.45
CA LEU A 140 -7.66 2.75 -5.01
C LEU A 140 -8.33 1.52 -4.42
N LYS A 141 -9.51 1.16 -4.91
CA LYS A 141 -10.16 -0.04 -4.36
C LYS A 141 -9.38 -1.30 -4.68
N SER A 142 -8.76 -1.35 -5.86
CA SER A 142 -7.99 -2.53 -6.20
C SER A 142 -6.60 -2.51 -5.58
N SER A 143 -5.96 -1.35 -5.44
CA SER A 143 -4.56 -1.34 -5.02
C SER A 143 -4.35 -1.00 -3.54
N ALA A 144 -5.38 -0.54 -2.82
CA ALA A 144 -5.14 -0.01 -1.46
C ALA A 144 -4.43 -1.01 -0.57
N ILE A 145 -4.92 -2.25 -0.52
CA ILE A 145 -4.27 -3.24 0.33
C ILE A 145 -2.82 -3.50 -0.11
N GLU A 146 -2.52 -3.39 -1.41
CA GLU A 146 -1.15 -3.61 -1.87
C GLU A 146 -0.22 -2.50 -1.39
N ILE A 147 -0.69 -1.25 -1.42
CA ILE A 147 0.14 -0.12 -1.02
C ILE A 147 0.37 -0.15 0.47
N ILE A 148 -0.63 -0.60 1.23
CA ILE A 148 -0.45 -0.75 2.68
C ILE A 148 0.61 -1.79 2.96
N MET A 149 0.55 -2.94 2.25
CA MET A 149 1.61 -3.95 2.36
C MET A 149 2.97 -3.39 2.00
N LEU A 150 3.06 -2.62 0.92
CA LEU A 150 4.35 -2.05 0.53
C LEU A 150 4.81 -1.02 1.56
N ARG A 151 3.92 -0.10 1.92
CA ARG A 151 4.33 0.98 2.84
C ARG A 151 4.65 0.44 4.24
N SER A 152 4.06 -0.69 4.63
CA SER A 152 4.33 -1.26 5.95
C SER A 152 5.76 -1.78 6.08
N ASN A 153 6.49 -1.99 4.96
CA ASN A 153 7.85 -2.46 5.04
C ASN A 153 8.74 -1.50 5.82
N GLN A 154 8.36 -0.21 5.87
CA GLN A 154 9.14 0.80 6.59
C GLN A 154 9.19 0.54 8.09
N SER A 155 8.13 -0.10 8.66
CA SER A 155 8.15 -0.45 10.08
C SER A 155 8.62 -1.87 10.34
N PHE A 156 8.84 -2.65 9.28
CA PHE A 156 9.19 -4.06 9.42
C PHE A 156 10.63 -4.23 9.82
N SER A 157 10.89 -5.18 10.70
CA SER A 157 12.24 -5.47 11.16
C SER A 157 12.61 -6.90 10.78
N LEU A 158 13.79 -7.05 10.17
CA LEU A 158 14.32 -8.39 9.95
C LEU A 158 14.62 -9.07 11.27
N GLU A 159 15.10 -8.30 12.25
CA GLU A 159 15.57 -8.88 13.50
C GLU A 159 14.43 -9.53 14.27
N ASP A 160 13.29 -8.84 14.34
CA ASP A 160 12.10 -9.30 15.06
C ASP A 160 11.11 -10.05 14.15
N MET A 161 11.28 -9.97 12.83
CA MET A 161 10.34 -10.57 11.88
C MET A 161 8.94 -10.01 12.05
N SER A 162 8.84 -8.77 12.51
CA SER A 162 7.53 -8.18 12.75
C SER A 162 7.61 -6.70 12.44
N TRP A 163 6.46 -6.03 12.58
CA TRP A 163 6.36 -4.61 12.29
C TRP A 163 6.34 -3.87 13.62
N SER A 164 7.27 -2.93 13.79
CA SER A 164 7.47 -2.21 15.05
C SER A 164 7.09 -0.74 14.86
N CYS A 165 6.07 -0.30 15.59
CA CYS A 165 5.57 1.05 15.34
C CYS A 165 5.68 1.95 16.56
N GLY A 166 6.85 2.02 17.16
CA GLY A 166 7.08 2.92 18.26
C GLY A 166 6.29 2.54 19.49
N GLY A 167 6.66 1.43 20.12
CA GLY A 167 6.00 0.97 21.31
C GLY A 167 5.62 -0.49 21.23
N PRO A 168 5.85 -1.23 22.32
CA PRO A 168 5.50 -2.67 22.31
C PRO A 168 4.01 -2.94 22.12
N ASP A 169 3.13 -2.01 22.52
CA ASP A 169 1.72 -2.15 22.20
C ASP A 169 1.48 -2.18 20.70
N PHE A 170 2.25 -1.42 19.94
CA PHE A 170 2.08 -1.32 18.49
C PHE A 170 3.18 -2.08 17.75
N LYS A 171 3.57 -3.22 18.29
CA LYS A 171 4.47 -4.16 17.63
C LYS A 171 3.63 -5.35 17.20
N TYR A 172 3.53 -5.59 15.90
CA TYR A 172 2.64 -6.62 15.37
C TYR A 172 3.43 -7.81 14.86
N CYS A 173 3.25 -8.96 15.52
N CYS A 173 3.24 -8.96 15.49
CA CYS A 173 3.76 -10.24 15.09
CA CYS A 173 3.81 -10.19 15.00
C CYS A 173 2.76 -10.92 14.16
C CYS A 173 2.74 -10.96 14.22
N ILE A 174 3.13 -12.09 13.64
CA ILE A 174 2.21 -12.88 12.82
C ILE A 174 1.02 -13.32 13.64
N ASN A 175 1.27 -13.76 14.88
CA ASN A 175 0.17 -14.25 15.69
C ASN A 175 -0.83 -13.15 16.01
N ASP A 176 -0.38 -11.90 16.10
CA ASP A 176 -1.31 -10.79 16.26
C ASP A 176 -2.33 -10.77 15.13
N VAL A 177 -1.90 -11.05 13.91
CA VAL A 177 -2.80 -10.93 12.76
C VAL A 177 -3.69 -12.16 12.61
N THR A 178 -3.30 -13.30 13.17
CA THR A 178 -4.24 -14.40 13.22
C THR A 178 -5.41 -14.08 14.13
N LYS A 179 -5.17 -13.30 15.19
CA LYS A 179 -6.27 -12.85 16.04
C LYS A 179 -7.09 -11.72 15.42
N ALA A 180 -6.84 -11.38 14.16
CA ALA A 180 -7.73 -10.51 13.40
C ALA A 180 -8.45 -11.25 12.30
N GLY A 181 -8.43 -12.58 12.32
CA GLY A 181 -9.20 -13.37 11.38
C GLY A 181 -8.46 -13.88 10.16
N HIS A 182 -7.13 -13.83 10.14
CA HIS A 182 -6.40 -14.26 8.96
C HIS A 182 -5.60 -15.53 9.25
N THR A 183 -5.14 -16.18 8.18
CA THR A 183 -4.50 -17.48 8.31
C THR A 183 -3.09 -17.45 7.73
N LEU A 184 -2.32 -18.49 8.06
CA LEU A 184 -0.96 -18.55 7.55
C LEU A 184 -0.95 -18.64 6.04
N GLU A 185 -2.07 -19.02 5.42
CA GLU A 185 -2.14 -19.02 3.96
C GLU A 185 -1.92 -17.62 3.40
N LEU A 186 -2.27 -16.59 4.16
CA LEU A 186 -1.92 -15.22 3.82
C LEU A 186 -0.69 -14.72 4.57
N LEU A 187 -0.55 -15.08 5.85
CA LEU A 187 0.47 -14.43 6.66
C LEU A 187 1.88 -14.93 6.32
N GLU A 188 2.02 -16.21 5.90
CA GLU A 188 3.33 -16.72 5.48
C GLU A 188 3.86 -15.99 4.26
N PRO A 189 3.16 -15.97 3.11
CA PRO A 189 3.67 -15.17 1.98
C PRO A 189 3.86 -13.70 2.32
N LEU A 190 3.04 -13.15 3.21
CA LEU A 190 3.20 -11.74 3.55
C LEU A 190 4.52 -11.48 4.26
N VAL A 191 4.88 -12.33 5.22
CA VAL A 191 6.12 -12.13 5.95
C VAL A 191 7.32 -12.37 5.04
N LYS A 192 7.25 -13.41 4.20
CA LYS A 192 8.30 -13.64 3.22
C LYS A 192 8.40 -12.48 2.23
N PHE A 193 7.28 -11.89 1.85
CA PHE A 193 7.32 -10.71 1.00
C PHE A 193 8.08 -9.57 1.67
N GLN A 194 7.72 -9.27 2.92
CA GLN A 194 8.37 -8.19 3.66
C GLN A 194 9.87 -8.42 3.81
N VAL A 195 10.27 -9.64 4.12
CA VAL A 195 11.69 -9.87 4.34
C VAL A 195 12.47 -9.74 3.04
N GLY A 196 11.92 -10.26 1.93
CA GLY A 196 12.62 -10.14 0.66
C GLY A 196 12.65 -8.70 0.18
N LEU A 197 11.59 -7.95 0.45
CA LEU A 197 11.55 -6.54 0.11
C LEU A 197 12.51 -5.73 0.97
N LYS A 198 12.62 -6.09 2.27
CA LYS A 198 13.57 -5.40 3.13
C LYS A 198 15.01 -5.66 2.71
N LYS A 199 15.29 -6.89 2.25
CA LYS A 199 16.64 -7.23 1.80
C LYS A 199 17.04 -6.46 0.55
N LEU A 200 16.08 -5.92 -0.19
CA LEU A 200 16.43 -5.11 -1.34
C LEU A 200 17.13 -3.80 -0.95
N LYS A 201 16.90 -3.31 0.27
CA LYS A 201 17.51 -2.07 0.75
C LYS A 201 17.22 -0.91 -0.20
N LEU A 202 15.94 -0.73 -0.53
CA LEU A 202 15.58 0.30 -1.50
C LEU A 202 15.89 1.69 -0.97
N HIS A 203 16.31 2.58 -1.86
CA HIS A 203 16.37 3.99 -1.49
C HIS A 203 14.93 4.49 -1.34
N GLU A 204 14.74 5.53 -0.50
CA GLU A 204 13.37 6.06 -0.36
C GLU A 204 12.78 6.43 -1.72
N GLU A 205 13.61 7.01 -2.60
CA GLU A 205 13.22 7.30 -3.99
C GLU A 205 12.61 6.07 -4.67
N GLU A 206 13.29 4.93 -4.60
CA GLU A 206 12.79 3.70 -5.20
C GLU A 206 11.53 3.21 -4.52
N HIS A 207 11.46 3.34 -3.19
CA HIS A 207 10.28 2.90 -2.45
C HIS A 207 9.03 3.65 -2.88
N VAL A 208 9.14 4.97 -2.98
CA VAL A 208 7.93 5.74 -3.31
C VAL A 208 7.57 5.56 -4.77
N LEU A 209 8.57 5.40 -5.66
CA LEU A 209 8.30 5.14 -7.06
C LEU A 209 7.52 3.84 -7.23
N LEU A 210 7.87 2.83 -6.45
CA LEU A 210 7.20 1.54 -6.52
C LEU A 210 5.77 1.64 -6.01
N MET A 211 5.54 2.43 -4.97
CA MET A 211 4.16 2.63 -4.52
C MET A 211 3.36 3.33 -5.61
N ALA A 212 3.92 4.37 -6.24
CA ALA A 212 3.19 5.07 -7.29
C ALA A 212 2.96 4.16 -8.50
N ILE A 213 3.95 3.36 -8.85
CA ILE A 213 3.79 2.44 -9.99
C ILE A 213 2.70 1.42 -9.68
N CYS A 214 2.74 0.85 -8.48
CA CYS A 214 1.72 -0.12 -8.07
C CYS A 214 0.33 0.49 -8.16
N LEU A 215 0.19 1.72 -7.69
CA LEU A 215 -1.09 2.40 -7.67
C LEU A 215 -1.60 2.69 -9.08
N LEU A 216 -0.69 3.01 -9.98
CA LEU A 216 -1.03 3.44 -11.33
C LEU A 216 -1.05 2.28 -12.32
N SER A 217 -1.38 1.08 -11.88
CA SER A 217 -1.45 -0.07 -12.78
C SER A 217 -2.75 0.00 -13.58
N PRO A 218 -2.71 0.00 -14.91
CA PRO A 218 -3.97 -0.04 -15.67
C PRO A 218 -4.66 -1.37 -15.66
N ASP A 219 -3.99 -2.48 -15.32
CA ASP A 219 -4.61 -3.81 -15.38
C ASP A 219 -5.31 -4.14 -14.07
N ARG A 220 -6.31 -3.32 -13.79
CA ARG A 220 -7.09 -3.53 -12.58
C ARG A 220 -8.56 -3.46 -12.95
N PRO A 221 -9.41 -4.19 -12.24
CA PRO A 221 -10.84 -4.15 -12.54
C PRO A 221 -11.38 -2.75 -12.35
N GLY A 222 -12.24 -2.33 -13.28
CA GLY A 222 -12.98 -1.09 -13.16
C GLY A 222 -12.39 0.09 -13.89
N VAL A 223 -11.11 0.04 -14.29
CA VAL A 223 -10.48 1.20 -14.91
C VAL A 223 -11.04 1.40 -16.32
N GLN A 224 -11.31 2.65 -16.66
CA GLN A 224 -11.81 3.03 -17.99
C GLN A 224 -10.71 3.54 -18.90
N ASP A 225 -9.92 4.50 -18.42
CA ASP A 225 -8.90 5.14 -19.24
C ASP A 225 -7.61 4.33 -19.15
N HIS A 226 -7.65 3.15 -19.75
CA HIS A 226 -6.47 2.29 -19.80
C HIS A 226 -5.27 3.05 -20.38
N VAL A 227 -5.49 3.73 -21.51
CA VAL A 227 -4.40 4.41 -22.20
C VAL A 227 -3.76 5.47 -21.31
N ARG A 228 -4.57 6.28 -20.62
CA ARG A 228 -3.98 7.36 -19.82
C ARG A 228 -3.21 6.81 -18.64
N ILE A 229 -3.80 5.84 -17.93
CA ILE A 229 -3.14 5.31 -16.75
C ILE A 229 -1.83 4.62 -17.14
N GLU A 230 -1.81 3.91 -18.27
CA GLU A 230 -0.58 3.24 -18.69
C GLU A 230 0.52 4.25 -19.00
N ALA A 231 0.20 5.32 -19.75
CA ALA A 231 1.17 6.37 -20.00
C ALA A 231 1.75 6.93 -18.71
N LEU A 232 0.91 7.16 -17.69
CA LEU A 232 1.42 7.64 -16.41
C LEU A 232 2.34 6.61 -15.79
N GLN A 233 1.92 5.34 -15.75
CA GLN A 233 2.77 4.31 -15.18
C GLN A 233 4.06 4.13 -15.99
N ASP A 234 3.96 4.24 -17.32
CA ASP A 234 5.16 4.15 -18.17
C ASP A 234 6.19 5.18 -17.77
N ARG A 235 5.76 6.43 -17.53
CA ARG A 235 6.71 7.46 -17.19
C ARG A 235 7.37 7.18 -15.85
N LEU A 236 6.60 6.67 -14.88
CA LEU A 236 7.15 6.31 -13.57
C LEU A 236 8.16 5.16 -13.68
N CYS A 237 7.85 4.15 -14.49
CA CYS A 237 8.82 3.07 -14.71
C CYS A 237 10.11 3.59 -15.35
N ASP A 238 10.00 4.45 -16.37
CA ASP A 238 11.16 5.12 -16.94
C ASP A 238 12.00 5.80 -15.86
N VAL A 239 11.35 6.60 -15.01
CA VAL A 239 12.07 7.25 -13.91
C VAL A 239 12.79 6.21 -13.05
N LEU A 240 12.08 5.16 -12.64
CA LEU A 240 12.67 4.17 -11.75
C LEU A 240 13.87 3.48 -12.40
N GLN A 241 13.71 3.00 -13.63
CA GLN A 241 14.84 2.36 -14.32
C GLN A 241 16.05 3.28 -14.40
N ALA A 242 15.82 4.55 -14.71
CA ALA A 242 16.94 5.49 -14.86
C ALA A 242 17.59 5.78 -13.51
N TYR A 243 16.76 6.01 -12.49
CA TYR A 243 17.28 6.27 -11.15
C TYR A 243 18.20 5.14 -10.69
N ILE A 244 17.73 3.89 -10.83
CA ILE A 244 18.51 2.74 -10.38
C ILE A 244 19.85 2.66 -11.11
N ARG A 245 19.86 2.86 -12.43
CA ARG A 245 21.09 2.74 -13.21
C ARG A 245 22.11 3.79 -12.82
N ILE A 246 21.66 5.00 -12.55
CA ILE A 246 22.54 6.13 -12.32
C ILE A 246 22.90 6.25 -10.84
N GLN A 247 21.90 6.09 -9.96
CA GLN A 247 22.09 6.41 -8.56
C GLN A 247 22.22 5.20 -7.64
N HIS A 248 21.93 4.00 -8.12
CA HIS A 248 21.96 2.86 -7.20
C HIS A 248 23.16 1.99 -7.52
N PRO A 249 24.26 2.11 -6.78
CA PRO A 249 25.43 1.27 -7.09
C PRO A 249 25.11 -0.21 -6.97
N GLY A 250 25.44 -0.95 -8.01
CA GLY A 250 25.17 -2.37 -8.06
C GLY A 250 23.71 -2.75 -8.24
N GLY A 251 22.92 -1.93 -8.93
CA GLY A 251 21.50 -2.22 -9.04
C GLY A 251 21.09 -2.81 -10.37
N ARG A 252 22.04 -3.42 -11.09
CA ARG A 252 21.76 -3.97 -12.41
C ARG A 252 20.59 -4.94 -12.39
N LEU A 253 20.40 -5.66 -11.29
CA LEU A 253 19.27 -6.58 -11.18
C LEU A 253 18.11 -6.03 -10.35
N LEU A 254 18.20 -4.78 -9.87
CA LEU A 254 17.21 -4.31 -8.91
C LEU A 254 15.84 -4.10 -9.55
N TYR A 255 15.80 -3.48 -10.74
CA TYR A 255 14.52 -3.16 -11.35
C TYR A 255 13.71 -4.43 -11.60
N ALA A 256 14.35 -5.50 -12.10
CA ALA A 256 13.62 -6.75 -12.30
C ALA A 256 13.06 -7.31 -10.99
N LYS A 257 13.84 -7.22 -9.90
CA LYS A 257 13.37 -7.71 -8.60
C LYS A 257 12.17 -6.91 -8.12
N MET A 258 12.20 -5.59 -8.29
CA MET A 258 11.09 -4.76 -7.82
C MET A 258 9.82 -5.07 -8.60
N ILE A 259 9.95 -5.36 -9.90
CA ILE A 259 8.77 -5.68 -10.68
C ILE A 259 8.25 -7.06 -10.30
N GLN A 260 9.14 -7.96 -9.87
CA GLN A 260 8.69 -9.22 -9.30
C GLN A 260 7.88 -8.99 -8.01
N LYS A 261 8.31 -8.04 -7.18
CA LYS A 261 7.55 -7.76 -5.95
C LYS A 261 6.13 -7.30 -6.28
N LEU A 262 5.97 -6.50 -7.36
CA LEU A 262 4.61 -6.14 -7.77
C LEU A 262 3.78 -7.37 -8.10
N ALA A 263 4.39 -8.37 -8.76
CA ALA A 263 3.70 -9.63 -9.00
C ALA A 263 3.30 -10.31 -7.70
N ASP A 264 4.21 -10.35 -6.73
CA ASP A 264 3.90 -10.99 -5.45
C ASP A 264 2.71 -10.31 -4.77
N LEU A 265 2.64 -8.97 -4.85
CA LEU A 265 1.54 -8.21 -4.27
C LEU A 265 0.19 -8.62 -4.84
N ARG A 266 0.11 -8.85 -6.15
CA ARG A 266 -1.14 -9.33 -6.74
C ARG A 266 -1.59 -10.61 -6.06
N SER A 267 -0.66 -11.54 -5.87
CA SER A 267 -0.93 -12.79 -5.17
C SER A 267 -1.35 -12.53 -3.73
N LEU A 268 -0.69 -11.59 -3.05
CA LEU A 268 -1.08 -11.26 -1.68
C LEU A 268 -2.46 -10.61 -1.65
N ASN A 269 -2.74 -9.76 -2.64
CA ASN A 269 -4.04 -9.10 -2.73
C ASN A 269 -5.14 -10.14 -2.90
N GLU A 270 -4.95 -11.06 -3.83
CA GLU A 270 -5.90 -12.13 -4.09
C GLU A 270 -6.25 -12.88 -2.82
N GLU A 271 -5.22 -13.28 -2.06
CA GLU A 271 -5.43 -14.07 -0.85
C GLU A 271 -6.12 -13.22 0.23
N HIS A 272 -5.71 -11.96 0.38
CA HIS A 272 -6.37 -11.09 1.35
C HIS A 272 -7.85 -10.91 1.02
N SER A 273 -8.19 -10.68 -0.26
N SER A 273 -8.17 -10.65 -0.26
CA SER A 273 -9.59 -10.47 -0.61
CA SER A 273 -9.57 -10.47 -0.65
C SER A 273 -10.43 -11.70 -0.33
C SER A 273 -10.39 -11.70 -0.29
N LYS A 274 -9.85 -12.88 -0.55
CA LYS A 274 -10.49 -14.13 -0.18
C LYS A 274 -10.79 -14.16 1.32
N GLN A 275 -9.77 -13.92 2.15
CA GLN A 275 -9.98 -14.00 3.60
C GLN A 275 -10.83 -12.84 4.13
N TYR A 276 -10.80 -11.69 3.45
CA TYR A 276 -11.63 -10.59 3.86
C TYR A 276 -13.11 -10.89 3.61
N ARG A 277 -13.44 -11.65 2.56
CA ARG A 277 -14.83 -12.06 2.33
C ARG A 277 -15.40 -12.81 3.53
N SER A 278 -14.60 -13.69 4.16
CA SER A 278 -15.07 -14.38 5.36
C SER A 278 -15.47 -13.38 6.44
N LEU A 279 -14.59 -12.42 6.73
CA LEU A 279 -14.92 -11.38 7.70
C LEU A 279 -16.17 -10.64 7.30
N SER A 280 -16.22 -10.17 6.06
CA SER A 280 -17.31 -9.29 5.69
C SER A 280 -18.63 -10.02 5.64
N PHE A 281 -18.63 -11.35 5.47
CA PHE A 281 -19.89 -12.10 5.47
C PHE A 281 -20.41 -12.48 6.85
N GLN A 282 -19.61 -12.33 7.91
CA GLN A 282 -20.09 -12.64 9.25
C GLN A 282 -20.34 -11.32 9.97
N PRO A 283 -21.60 -10.94 10.20
CA PRO A 283 -21.87 -9.62 10.78
C PRO A 283 -21.20 -9.38 12.11
N GLU A 284 -20.96 -10.42 12.92
CA GLU A 284 -20.31 -10.11 14.18
C GLU A 284 -18.86 -9.67 13.99
N HIS A 285 -18.23 -10.01 12.85
CA HIS A 285 -16.92 -9.48 12.52
C HIS A 285 -17.01 -8.20 11.69
N SER A 286 -17.87 -8.18 10.66
CA SER A 286 -17.91 -6.98 9.84
C SER A 286 -18.28 -5.75 10.64
N MET A 287 -19.09 -5.91 11.72
CA MET A 287 -19.45 -4.77 12.54
C MET A 287 -18.26 -4.16 13.26
N GLN A 288 -17.17 -4.91 13.40
CA GLN A 288 -15.95 -4.37 13.98
C GLN A 288 -15.12 -3.55 13.00
N LEU A 289 -15.49 -3.55 11.71
CA LEU A 289 -14.67 -2.83 10.74
C LEU A 289 -15.03 -1.35 10.77
N THR A 290 -14.35 -0.54 9.93
CA THR A 290 -14.74 0.86 9.86
C THR A 290 -15.55 1.10 8.59
N PRO A 291 -16.34 2.18 8.55
CA PRO A 291 -17.04 2.51 7.30
C PRO A 291 -16.08 2.70 6.13
N LEU A 292 -14.92 3.33 6.33
CA LEU A 292 -13.97 3.46 5.22
C LEU A 292 -13.46 2.09 4.77
N VAL A 293 -13.17 1.20 5.71
CA VAL A 293 -12.68 -0.11 5.29
C VAL A 293 -13.76 -0.86 4.52
N LEU A 294 -14.99 -0.80 5.02
CA LEU A 294 -16.12 -1.43 4.32
C LEU A 294 -16.23 -0.91 2.89
N GLU A 295 -16.02 0.39 2.68
CA GLU A 295 -16.14 0.97 1.34
C GLU A 295 -15.05 0.47 0.42
N VAL A 296 -13.81 0.64 0.86
CA VAL A 296 -12.66 0.45 -0.03
C VAL A 296 -12.50 -1.02 -0.36
N PHE A 297 -12.62 -1.88 0.65
CA PHE A 297 -12.46 -3.31 0.44
C PHE A 297 -13.76 -3.99 0.01
N GLY A 298 -14.88 -3.26 -0.08
CA GLY A 298 -16.15 -3.83 -0.46
C GLY A 298 -16.25 -4.05 -1.96
N SER A 299 -17.36 -4.64 -2.38
CA SER A 299 -17.47 -5.09 -3.77
C SER A 299 -18.32 -4.17 -4.64
N GLU A 300 -18.83 -3.06 -4.10
CA GLU A 300 -19.57 -2.07 -4.89
C GLU A 300 -18.74 -1.57 -6.06
N VAL A 301 -19.39 -1.39 -7.20
CA VAL A 301 -18.76 -0.88 -8.40
C VAL A 301 -19.45 0.41 -8.81
N SER A 302 -18.66 1.41 -9.18
CA SER A 302 -19.20 2.64 -9.77
C SER A 302 -19.48 2.43 -11.25
N LYS B 1 -23.07 5.87 -3.82
CA LYS B 1 -22.11 4.91 -3.28
C LYS B 1 -20.72 5.55 -3.20
N HIS B 2 -19.81 4.89 -2.48
CA HIS B 2 -18.45 5.39 -2.25
C HIS B 2 -18.45 6.82 -1.72
N LYS B 3 -19.37 7.09 -0.79
CA LYS B 3 -19.54 8.44 -0.26
C LYS B 3 -18.26 8.97 0.38
N ILE B 4 -17.58 8.13 1.15
CA ILE B 4 -16.40 8.60 1.87
C ILE B 4 -15.25 8.82 0.91
N LEU B 5 -15.05 7.89 -0.03
CA LEU B 5 -13.96 8.01 -0.99
C LEU B 5 -14.07 9.31 -1.79
N HIS B 6 -15.29 9.62 -2.26
CA HIS B 6 -15.52 10.86 -2.99
C HIS B 6 -15.14 12.07 -2.15
N ARG B 7 -15.54 12.08 -0.87
CA ARG B 7 -15.18 13.18 0.01
C ARG B 7 -13.67 13.25 0.21
N LEU B 8 -13.02 12.11 0.45
CA LEU B 8 -11.57 12.10 0.65
C LEU B 8 -10.82 12.47 -0.62
N LEU B 9 -11.36 12.15 -1.78
CA LEU B 9 -10.69 12.48 -3.02
C LEU B 9 -10.88 13.93 -3.42
N GLN B 10 -11.54 14.71 -2.55
CA GLN B 10 -11.88 16.11 -2.74
C GLN B 10 -12.96 16.25 -3.80
C14 A1H9P C . -0.01 -5.52 7.86
C6 A1H9P C . 0.75 -4.58 8.77
C9 A1H9P C . 1.02 -5.23 10.10
C11 A1H9P C . -0.29 -5.68 10.74
C12 A1H9P C . -1.09 -6.59 9.82
C18 A1H9P C . -2.27 -4.70 8.63
C5 A1H9P C . 1.71 -1.02 9.16
C10 A1H9P C . 0.85 -0.26 8.23
C19 A1H9P C . -0.44 -0.54 8.05
C21 A1H9P C . -3.34 -8.69 6.37
C23 A1H9P C . -5.79 -7.03 7.54
C25 A1H9P C . -8.37 -6.64 7.56
C17 A1H9P C . -1.85 -6.86 7.31
C7 A1H9P C . 1.01 -3.30 8.46
C28 A1H9P C . 1.71 -2.36 9.29
C4 A1H9P C . 2.47 -0.11 10.09
C3 A1H9P C . 3.10 1.10 9.39
C2 A1H9P C . 2.01 1.91 8.67
C1 A1H9P C . 1.47 0.96 7.61
C16 A1H9P C . -1.59 -6.03 6.04
C20 A1H9P C . -3.26 -7.51 7.34
C22 A1H9P C . -4.42 -6.52 7.06
C24 A1H9P C . -6.97 -6.07 7.30
C26 A1H9P C . -9.47 -5.61 7.32
C15 A1H9P C . -0.35 -5.14 6.40
C27 A1H9P C . -8.48 -7.22 8.96
C13 A1H9P C . -1.38 -5.95 8.46
O4 A1H9P C . 1.64 0.32 11.16
O2 A1H9P C . 4.11 0.70 8.46
O1 A1H9P C . 0.53 1.65 6.82
O3 A1H9P C . -8.61 -7.74 6.65
C ACT D . 1.62 6.63 8.88
O ACT D . 1.73 7.80 9.31
OXT ACT D . 0.94 6.24 7.90
CH3 ACT D . 2.42 5.52 9.60
#